data_7UI2
#
_entry.id   7UI2
#
_cell.length_a   34.380
_cell.length_b   54.610
_cell.length_c   61.620
_cell.angle_alpha   90.00
_cell.angle_beta   89.97
_cell.angle_gamma   90.00
#
_symmetry.space_group_name_H-M   'P 1 21 1'
#
loop_
_entity.id
_entity.type
_entity.pdbx_description
1 polymer 'SP15 protein'
2 non-polymer 'ACETATE ION'
3 water water
#
_entity_poly.entity_id   1
_entity_poly.type   'polypeptide(L)'
_entity_poly.pdbx_seq_one_letter_code
;EAEAEFENPSKKCEEKFKNDASKMACIPHCKYQYYGFVAMDNNIAKPEIRTFSNVLIKYNVVDKSLKADIRKIMHECAKK
VKKQAREDSHWLNCRTTINYYRCILTDKRIGPQRFDRAIQEYDKTINI
;
_entity_poly.pdbx_strand_id   A,B
#
loop_
_chem_comp.id
_chem_comp.type
_chem_comp.name
_chem_comp.formula
ACT non-polymer 'ACETATE ION' 'C2 H3 O2 -1'
#
# COMPACT_ATOMS: atom_id res chain seq x y z
N GLU A 5 -7.59 23.77 18.39
CA GLU A 5 -6.33 23.87 17.68
C GLU A 5 -6.48 23.26 16.29
N PHE A 6 -6.18 24.05 15.26
CA PHE A 6 -6.37 23.64 13.88
C PHE A 6 -5.02 23.47 13.21
N GLU A 7 -4.93 22.45 12.36
CA GLU A 7 -3.69 22.14 11.66
C GLU A 7 -3.99 21.91 10.18
N ASN A 8 -2.95 22.04 9.37
CA ASN A 8 -3.07 21.72 7.96
C ASN A 8 -3.16 20.20 7.80
N PRO A 9 -3.82 19.73 6.73
CA PRO A 9 -3.92 18.28 6.52
C PRO A 9 -2.60 17.54 6.57
N SER A 10 -1.53 18.12 6.03
CA SER A 10 -0.21 17.50 6.07
C SER A 10 0.19 17.12 7.50
N LYS A 11 0.10 18.09 8.42
CA LYS A 11 0.48 17.83 9.81
C LYS A 11 -0.47 16.85 10.47
N LYS A 12 -1.77 17.04 10.29
CA LYS A 12 -2.77 16.14 10.86
C LYS A 12 -2.51 14.70 10.41
N CYS A 13 -2.20 14.50 9.13
CA CYS A 13 -2.05 13.14 8.63
C CYS A 13 -0.73 12.53 9.07
N GLU A 14 0.33 13.33 9.11
CA GLU A 14 1.61 12.86 9.64
C GLU A 14 1.45 12.37 11.07
N GLU A 15 0.68 13.09 11.88
CA GLU A 15 0.48 12.70 13.28
C GLU A 15 -0.33 11.41 13.38
N LYS A 16 -1.34 11.27 12.53
CA LYS A 16 -2.19 10.09 12.56
C LYS A 16 -1.40 8.82 12.30
N PHE A 17 -0.43 8.88 11.38
CA PHE A 17 0.31 7.71 10.94
C PHE A 17 1.75 7.69 11.43
N LYS A 18 2.03 8.37 12.54
CA LYS A 18 3.41 8.52 13.01
C LYS A 18 4.01 7.19 13.45
N ASN A 19 3.20 6.29 13.99
CA ASN A 19 3.66 4.97 14.39
C ASN A 19 3.10 3.86 13.50
N ASP A 20 2.97 4.13 12.20
CA ASP A 20 2.40 3.17 11.27
C ASP A 20 3.45 2.86 10.20
N ALA A 21 3.77 1.58 10.05
CA ALA A 21 4.79 1.19 9.08
C ALA A 21 4.34 1.44 7.64
N SER A 22 3.07 1.72 7.44
CA SER A 22 2.54 2.01 6.12
C SER A 22 2.48 3.51 5.83
N LYS A 23 3.14 4.34 6.66
CA LYS A 23 2.86 5.77 6.63
C LYS A 23 3.24 6.42 5.30
N MET A 24 4.22 5.87 4.59
CA MET A 24 4.60 6.48 3.31
C MET A 24 3.47 6.39 2.29
N ALA A 25 2.60 5.40 2.41
CA ALA A 25 1.42 5.32 1.56
C ALA A 25 0.23 6.08 2.14
N CYS A 26 0.02 5.96 3.45
CA CYS A 26 -1.22 6.44 4.04
C CYS A 26 -1.22 7.94 4.35
N ILE A 27 -0.05 8.56 4.51
CA ILE A 27 -0.01 10.01 4.65
C ILE A 27 -0.53 10.73 3.41
N PRO A 28 -0.04 10.46 2.19
CA PRO A 28 -0.62 11.12 1.00
C PRO A 28 -2.10 10.83 0.82
N HIS A 29 -2.51 9.59 1.09
CA HIS A 29 -3.92 9.22 0.93
C HIS A 29 -4.80 9.99 1.91
N CYS A 30 -4.36 10.06 3.17
CA CYS A 30 -5.06 10.86 4.17
C CYS A 30 -5.19 12.32 3.71
N LYS A 31 -4.13 12.88 3.13
CA LYS A 31 -4.14 14.27 2.71
C LYS A 31 -5.13 14.50 1.56
N TYR A 32 -5.07 13.64 0.54
CA TYR A 32 -6.01 13.77 -0.58
C TYR A 32 -7.46 13.67 -0.12
N GLN A 33 -7.73 12.84 0.88
CA GLN A 33 -9.10 12.78 1.41
C GLN A 33 -9.47 14.09 2.08
N TYR A 34 -8.52 14.73 2.77
CA TYR A 34 -8.86 16.00 3.40
C TYR A 34 -9.00 17.11 2.37
N TYR A 35 -8.26 17.02 1.27
CA TYR A 35 -8.35 17.99 0.19
C TYR A 35 -9.62 17.82 -0.63
N GLY A 36 -10.32 16.70 -0.48
CA GLY A 36 -11.47 16.42 -1.30
C GLY A 36 -11.15 15.88 -2.68
N PHE A 37 -9.92 15.43 -2.90
CA PHE A 37 -9.55 14.85 -4.19
C PHE A 37 -9.93 13.39 -4.29
N VAL A 38 -10.07 12.71 -3.16
CA VAL A 38 -10.51 11.33 -3.07
C VAL A 38 -11.56 11.28 -1.97
N ALA A 39 -12.66 10.58 -2.22
CA ALA A 39 -13.73 10.51 -1.24
C ALA A 39 -13.30 9.67 -0.05
N MET A 40 -14.01 9.84 1.08
CA MET A 40 -13.68 9.09 2.29
C MET A 40 -13.90 7.58 2.12
N ASP A 41 -14.69 7.18 1.14
CA ASP A 41 -14.90 5.78 0.81
C ASP A 41 -14.00 5.29 -0.33
N ASN A 42 -12.99 6.07 -0.69
CA ASN A 42 -11.99 5.83 -1.74
C ASN A 42 -12.51 6.00 -3.16
N ASN A 43 -13.75 6.39 -3.35
CA ASN A 43 -14.24 6.63 -4.70
C ASN A 43 -13.74 7.97 -5.22
N ILE A 44 -13.65 8.07 -6.55
CA ILE A 44 -13.27 9.31 -7.22
C ILE A 44 -14.31 9.53 -8.31
N ALA A 45 -15.14 10.56 -8.14
CA ALA A 45 -16.21 10.84 -9.11
C ALA A 45 -16.24 12.35 -9.35
N LYS A 46 -17.32 12.79 -10.03
CA LYS A 46 -17.49 14.20 -10.41
C LYS A 46 -17.17 15.22 -9.32
N PRO A 47 -17.66 15.08 -8.07
CA PRO A 47 -17.33 16.11 -7.07
C PRO A 47 -15.85 16.21 -6.75
N GLU A 48 -15.17 15.07 -6.62
CA GLU A 48 -13.74 15.07 -6.33
C GLU A 48 -12.94 15.60 -7.52
N ILE A 49 -13.38 15.29 -8.74
CA ILE A 49 -12.68 15.75 -9.93
C ILE A 49 -12.90 17.24 -10.12
N ARG A 50 -14.07 17.74 -9.75
CA ARG A 50 -14.33 19.16 -9.91
C ARG A 50 -13.45 19.94 -8.97
N THR A 51 -13.27 19.41 -7.74
CA THR A 51 -12.42 20.03 -6.74
C THR A 51 -10.95 20.00 -7.16
N PHE A 52 -10.45 18.83 -7.56
CA PHE A 52 -9.04 18.68 -7.87
C PHE A 52 -8.65 19.53 -9.08
N SER A 53 -9.45 19.48 -10.15
CA SER A 53 -9.17 20.28 -11.33
C SER A 53 -9.22 21.77 -11.01
N ASN A 54 -10.15 22.18 -10.14
CA ASN A 54 -10.23 23.59 -9.76
C ASN A 54 -8.97 24.05 -9.05
N VAL A 55 -8.40 23.21 -8.16
CA VAL A 55 -7.16 23.56 -7.47
C VAL A 55 -6.01 23.69 -8.47
N LEU A 56 -5.91 22.73 -9.38
CA LEU A 56 -4.80 22.73 -10.34
C LEU A 56 -4.86 23.95 -11.24
N ILE A 57 -6.07 24.36 -11.65
CA ILE A 57 -6.22 25.53 -12.50
C ILE A 57 -5.90 26.81 -11.72
N LYS A 58 -6.40 26.91 -10.48
CA LYS A 58 -6.17 28.11 -9.67
C LYS A 58 -4.68 28.36 -9.45
N TYR A 59 -3.91 27.30 -9.24
CA TYR A 59 -2.47 27.42 -9.05
C TYR A 59 -1.70 27.37 -10.36
N ASN A 60 -2.39 27.46 -11.50
CA ASN A 60 -1.79 27.54 -12.83
C ASN A 60 -0.87 26.37 -13.15
N VAL A 61 -1.20 25.18 -12.62
CA VAL A 61 -0.43 23.98 -12.98
C VAL A 61 -0.58 23.69 -14.47
N VAL A 62 -1.79 23.89 -15.00
CA VAL A 62 -2.05 23.95 -16.44
C VAL A 62 -2.96 25.13 -16.71
N ASP A 63 -2.95 25.59 -17.95
CA ASP A 63 -3.72 26.75 -18.33
C ASP A 63 -5.21 26.52 -18.11
N LYS A 64 -5.91 27.59 -17.76
CA LYS A 64 -7.35 27.53 -17.50
C LYS A 64 -8.14 27.01 -18.69
N SER A 65 -7.61 27.16 -19.91
CA SER A 65 -8.34 26.69 -21.09
C SER A 65 -8.38 25.18 -21.19
N LEU A 66 -7.57 24.48 -20.39
CA LEU A 66 -7.46 23.04 -20.46
C LEU A 66 -8.32 22.33 -19.40
N LYS A 67 -9.30 23.02 -18.82
CA LYS A 67 -10.01 22.47 -17.67
C LYS A 67 -10.87 21.26 -18.07
N ALA A 68 -11.44 21.30 -19.28
CA ALA A 68 -12.21 20.14 -19.76
C ALA A 68 -11.30 18.94 -20.00
N ASP A 69 -10.12 19.17 -20.60
CA ASP A 69 -9.16 18.08 -20.84
C ASP A 69 -8.70 17.44 -19.54
N ILE A 70 -8.39 18.26 -18.53
CA ILE A 70 -7.88 17.72 -17.27
C ILE A 70 -8.96 16.93 -16.54
N ARG A 71 -10.21 17.39 -16.62
CA ARG A 71 -11.31 16.62 -16.02
C ARG A 71 -11.50 15.30 -16.75
N LYS A 72 -11.34 15.30 -18.08
CA LYS A 72 -11.46 14.06 -18.84
C LYS A 72 -10.37 13.06 -18.45
N ILE A 73 -9.11 13.52 -18.32
CA ILE A 73 -8.07 12.57 -17.93
C ILE A 73 -8.24 12.11 -16.48
N MET A 74 -8.77 12.99 -15.61
CA MET A 74 -9.05 12.58 -14.25
C MET A 74 -10.13 11.50 -14.20
N HIS A 75 -11.17 11.64 -15.02
CA HIS A 75 -12.18 10.60 -15.12
C HIS A 75 -11.60 9.30 -15.69
N GLU A 76 -10.75 9.41 -16.72
CA GLU A 76 -10.04 8.23 -17.23
C GLU A 76 -9.27 7.55 -16.10
N CYS A 77 -8.52 8.33 -15.32
CA CYS A 77 -7.67 7.77 -14.27
C CYS A 77 -8.50 7.14 -13.15
N ALA A 78 -9.61 7.78 -12.76
CA ALA A 78 -10.49 7.19 -11.76
C ALA A 78 -10.94 5.80 -12.16
N LYS A 79 -11.29 5.62 -13.44
CA LYS A 79 -11.67 4.30 -13.94
C LYS A 79 -10.48 3.34 -13.88
N LYS A 80 -9.31 3.79 -14.37
CA LYS A 80 -8.16 2.89 -14.44
C LYS A 80 -7.69 2.52 -13.04
N VAL A 81 -7.81 3.44 -12.09
CA VAL A 81 -7.39 3.19 -10.72
C VAL A 81 -8.31 2.16 -10.07
N LYS A 82 -9.61 2.26 -10.34
CA LYS A 82 -10.57 1.28 -9.84
C LYS A 82 -10.25 -0.11 -10.38
N LYS A 83 -9.88 -0.19 -11.67
CA LYS A 83 -9.63 -1.49 -12.28
C LYS A 83 -8.29 -2.05 -11.82
N GLN A 84 -7.33 -1.17 -11.53
CA GLN A 84 -6.03 -1.63 -11.06
C GLN A 84 -6.14 -2.26 -9.68
N ALA A 85 -6.99 -1.69 -8.82
CA ALA A 85 -7.09 -2.08 -7.43
C ALA A 85 -8.10 -3.20 -7.18
N ARG A 86 -8.81 -3.65 -8.21
CA ARG A 86 -9.90 -4.60 -8.01
C ARG A 86 -9.38 -5.91 -7.45
N GLU A 87 -8.24 -6.39 -7.95
CA GLU A 87 -7.62 -7.63 -7.49
C GLU A 87 -6.67 -7.41 -6.32
N ASP A 88 -6.69 -6.22 -5.72
CA ASP A 88 -5.80 -5.94 -4.61
C ASP A 88 -6.20 -6.73 -3.37
N SER A 89 -5.20 -7.17 -2.61
CA SER A 89 -5.43 -7.92 -1.40
C SER A 89 -6.17 -7.06 -0.38
N HIS A 90 -6.84 -7.73 0.54
CA HIS A 90 -7.62 -7.04 1.57
C HIS A 90 -6.80 -6.02 2.35
N TRP A 91 -5.54 -6.34 2.62
CA TRP A 91 -4.70 -5.55 3.53
C TRP A 91 -3.85 -4.50 2.82
N LEU A 92 -4.01 -4.35 1.51
CA LEU A 92 -3.30 -3.32 0.77
C LEU A 92 -4.09 -2.02 0.88
N ASN A 93 -3.61 -1.11 1.73
CA ASN A 93 -4.35 0.10 2.05
C ASN A 93 -3.72 1.31 1.39
N CYS A 94 -4.53 2.36 1.24
CA CYS A 94 -4.09 3.69 0.84
C CYS A 94 -3.60 3.78 -0.61
N ARG A 95 -3.82 2.75 -1.42
CA ARG A 95 -3.32 2.72 -2.80
C ARG A 95 -4.10 3.62 -3.76
N THR A 96 -5.35 3.96 -3.45
CA THR A 96 -6.14 4.78 -4.35
C THR A 96 -5.41 6.06 -4.71
N THR A 97 -4.91 6.78 -3.71
CA THR A 97 -4.23 8.04 -3.97
C THR A 97 -2.92 7.83 -4.73
N ILE A 98 -2.15 6.80 -4.35
CA ILE A 98 -0.90 6.49 -5.05
C ILE A 98 -1.16 6.28 -6.54
N ASN A 99 -2.11 5.40 -6.86
CA ASN A 99 -2.35 5.05 -8.26
C ASN A 99 -2.97 6.21 -9.02
N TYR A 100 -3.85 6.98 -8.36
CA TYR A 100 -4.48 8.14 -8.98
C TYR A 100 -3.42 9.21 -9.30
N TYR A 101 -2.53 9.46 -8.34
CA TYR A 101 -1.45 10.43 -8.51
C TYR A 101 -0.56 10.06 -9.69
N ARG A 102 -0.11 8.80 -9.73
CA ARG A 102 0.74 8.35 -10.84
C ARG A 102 0.02 8.46 -12.18
N CYS A 103 -1.27 8.11 -12.22
CA CYS A 103 -2.02 8.18 -13.47
C CYS A 103 -2.14 9.60 -13.98
N ILE A 104 -2.54 10.53 -13.11
CA ILE A 104 -2.65 11.94 -13.50
C ILE A 104 -1.34 12.46 -14.07
N LEU A 105 -0.21 12.05 -13.48
N LEU A 105 -0.22 12.03 -13.50
CA LEU A 105 1.10 12.51 -13.92
CA LEU A 105 1.09 12.52 -13.92
C LEU A 105 1.62 11.80 -15.16
C LEU A 105 1.63 11.79 -15.15
N THR A 106 0.91 10.81 -15.68
CA THR A 106 1.21 10.31 -17.01
C THR A 106 0.65 11.19 -18.11
N ASP A 107 -0.13 12.20 -17.77
CA ASP A 107 -0.52 13.20 -18.76
C ASP A 107 0.70 14.04 -19.12
N LYS A 108 0.98 14.15 -20.43
CA LYS A 108 2.23 14.76 -20.88
C LYS A 108 2.34 16.22 -20.48
N ARG A 109 1.23 16.84 -20.09
CA ARG A 109 1.13 18.30 -19.92
C ARG A 109 1.39 18.75 -18.50
N ILE A 110 1.37 17.83 -17.53
CA ILE A 110 1.43 18.17 -16.11
C ILE A 110 2.83 17.92 -15.61
N GLY A 111 3.48 18.99 -15.14
CA GLY A 111 4.80 18.90 -14.56
C GLY A 111 4.74 18.53 -13.10
N PRO A 112 5.46 17.47 -12.73
CA PRO A 112 5.40 17.00 -11.33
C PRO A 112 5.82 18.04 -10.30
N GLN A 113 6.80 18.88 -10.63
CA GLN A 113 7.28 19.88 -9.68
C GLN A 113 6.20 20.94 -9.41
N ARG A 114 5.61 21.49 -10.48
CA ARG A 114 4.54 22.48 -10.32
C ARG A 114 3.34 21.88 -9.60
N PHE A 115 3.01 20.64 -9.96
CA PHE A 115 1.87 19.92 -9.38
C PHE A 115 2.05 19.80 -7.87
N ASP A 116 3.22 19.32 -7.45
CA ASP A 116 3.52 19.18 -6.02
C ASP A 116 3.48 20.53 -5.30
N ARG A 117 4.06 21.56 -5.90
CA ARG A 117 4.07 22.89 -5.28
C ARG A 117 2.66 23.41 -5.07
N ALA A 118 1.77 23.20 -6.05
CA ALA A 118 0.40 23.68 -5.93
C ALA A 118 -0.31 23.02 -4.76
N ILE A 119 -0.15 21.71 -4.60
CA ILE A 119 -0.85 21.01 -3.53
C ILE A 119 -0.28 21.38 -2.18
N GLN A 120 1.03 21.63 -2.10
CA GLN A 120 1.63 22.07 -0.86
C GLN A 120 1.11 23.44 -0.45
N GLU A 121 0.89 24.33 -1.42
CA GLU A 121 0.35 25.64 -1.13
C GLU A 121 -1.14 25.55 -0.79
N TYR A 122 -1.87 24.68 -1.47
CA TYR A 122 -3.27 24.48 -1.14
C TYR A 122 -3.41 23.94 0.28
N ASP A 123 -2.50 23.03 0.67
CA ASP A 123 -2.50 22.46 2.01
C ASP A 123 -2.50 23.54 3.09
N LYS A 124 -1.74 24.61 2.87
CA LYS A 124 -1.63 25.68 3.86
C LYS A 124 -2.94 26.46 4.05
N THR A 125 -3.86 26.42 3.08
CA THR A 125 -5.11 27.15 3.19
C THR A 125 -6.19 26.38 3.96
N ILE A 126 -5.95 25.12 4.30
CA ILE A 126 -6.94 24.27 4.96
C ILE A 126 -6.54 24.12 6.42
N ASN A 127 -7.45 24.49 7.33
CA ASN A 127 -7.18 24.50 8.76
C ASN A 127 -8.28 23.69 9.45
N ILE A 128 -7.89 22.50 9.89
CA ILE A 128 -8.86 21.48 10.38
C ILE A 128 -8.38 20.77 11.67
N ALA B 2 -1.46 -44.00 9.38
CA ALA B 2 -1.66 -43.75 7.96
C ALA B 2 -2.02 -42.28 7.71
N GLU B 3 -1.02 -41.48 7.29
CA GLU B 3 -1.16 -40.04 7.14
C GLU B 3 -0.94 -39.69 5.67
N ALA B 4 -0.02 -38.75 5.38
CA ALA B 4 0.32 -38.33 4.03
C ALA B 4 -0.89 -37.73 3.31
N GLU B 5 -1.32 -36.59 3.85
CA GLU B 5 -2.45 -35.84 3.30
C GLU B 5 -1.97 -34.40 3.10
N PHE B 6 -1.05 -34.20 2.16
CA PHE B 6 -0.40 -32.91 2.09
C PHE B 6 -1.27 -31.85 1.39
N GLU B 7 -0.94 -30.59 1.67
CA GLU B 7 -1.71 -29.47 1.16
C GLU B 7 -0.80 -28.24 1.11
N ASN B 8 -1.17 -27.30 0.25
CA ASN B 8 -0.48 -26.04 0.20
C ASN B 8 -0.81 -25.21 1.44
N PRO B 9 0.10 -24.34 1.88
CA PRO B 9 -0.17 -23.51 3.06
C PRO B 9 -1.48 -22.74 2.99
N SER B 10 -1.83 -22.21 1.81
CA SER B 10 -3.10 -21.50 1.64
C SER B 10 -4.27 -22.35 2.12
N LYS B 11 -4.37 -23.58 1.61
CA LYS B 11 -5.47 -24.46 2.01
C LYS B 11 -5.41 -24.80 3.50
N LYS B 12 -4.23 -25.15 3.99
CA LYS B 12 -4.09 -25.53 5.40
C LYS B 12 -4.54 -24.39 6.31
N CYS B 13 -4.14 -23.16 5.99
CA CYS B 13 -4.50 -22.03 6.83
C CYS B 13 -5.98 -21.68 6.71
N GLU B 14 -6.54 -21.79 5.50
CA GLU B 14 -7.97 -21.54 5.33
C GLU B 14 -8.79 -22.48 6.19
N GLU B 15 -8.36 -23.74 6.28
CA GLU B 15 -9.08 -24.74 7.08
C GLU B 15 -8.91 -24.47 8.57
N LYS B 16 -7.69 -24.09 8.98
CA LYS B 16 -7.43 -23.82 10.39
C LYS B 16 -8.33 -22.72 10.93
N PHE B 17 -8.60 -21.69 10.13
CA PHE B 17 -9.33 -20.51 10.58
C PHE B 17 -10.72 -20.40 9.97
N LYS B 18 -11.31 -21.54 9.57
CA LYS B 18 -12.56 -21.51 8.83
C LYS B 18 -13.74 -21.04 9.70
N ASN B 19 -13.69 -21.32 10.99
CA ASN B 19 -14.69 -20.82 11.94
C ASN B 19 -14.13 -19.78 12.90
N ASP B 20 -13.32 -18.87 12.39
CA ASP B 20 -12.68 -17.85 13.21
C ASP B 20 -13.03 -16.50 12.61
N ALA B 21 -13.68 -15.65 13.41
CA ALA B 21 -14.08 -14.33 12.93
C ALA B 21 -12.89 -13.44 12.61
N SER B 22 -11.68 -13.85 12.98
CA SER B 22 -10.46 -13.11 12.68
C SER B 22 -9.75 -13.63 11.43
N LYS B 23 -10.42 -14.48 10.63
CA LYS B 23 -9.73 -15.23 9.58
C LYS B 23 -9.09 -14.33 8.53
N MET B 24 -9.67 -13.16 8.24
CA MET B 24 -9.08 -12.31 7.21
C MET B 24 -7.69 -11.82 7.59
N ALA B 25 -7.40 -11.76 8.89
CA ALA B 25 -6.05 -11.41 9.34
C ALA B 25 -5.18 -12.64 9.52
N CYS B 26 -5.74 -13.71 10.09
CA CYS B 26 -4.92 -14.83 10.53
C CYS B 26 -4.58 -15.80 9.40
N ILE B 27 -5.39 -15.85 8.34
CA ILE B 27 -5.01 -16.65 7.17
C ILE B 27 -3.71 -16.17 6.53
N PRO B 28 -3.55 -14.89 6.16
CA PRO B 28 -2.24 -14.46 5.60
C PRO B 28 -1.09 -14.64 6.57
N HIS B 29 -1.33 -14.39 7.86
CA HIS B 29 -0.26 -14.55 8.86
C HIS B 29 0.17 -16.01 8.97
N CYS B 30 -0.81 -16.92 9.00
CA CYS B 30 -0.51 -18.35 8.99
C CYS B 30 0.30 -18.74 7.76
N LYS B 31 -0.03 -18.17 6.60
CA LYS B 31 0.67 -18.51 5.37
C LYS B 31 2.12 -18.02 5.40
N TYR B 32 2.34 -16.76 5.82
CA TYR B 32 3.70 -16.25 5.92
C TYR B 32 4.56 -17.07 6.87
N GLN B 33 3.95 -17.61 7.94
CA GLN B 33 4.73 -18.46 8.83
C GLN B 33 5.13 -19.76 8.16
N TYR B 34 4.23 -20.34 7.37
CA TYR B 34 4.58 -21.53 6.61
C TYR B 34 5.59 -21.24 5.50
N TYR B 35 5.54 -20.04 4.93
CA TYR B 35 6.51 -19.66 3.90
C TYR B 35 7.89 -19.38 4.47
N GLY B 36 7.99 -19.17 5.78
CA GLY B 36 9.24 -18.77 6.38
C GLY B 36 9.53 -17.29 6.30
N PHE B 37 8.53 -16.48 5.95
CA PHE B 37 8.71 -15.03 5.89
C PHE B 37 8.59 -14.37 7.26
N VAL B 38 7.87 -15.01 8.17
CA VAL B 38 7.71 -14.55 9.54
C VAL B 38 7.92 -15.76 10.44
N ALA B 39 8.70 -15.59 11.51
CA ALA B 39 8.98 -16.71 12.39
C ALA B 39 7.74 -17.12 13.17
N MET B 40 7.77 -18.34 13.71
CA MET B 40 6.63 -18.85 14.46
C MET B 40 6.35 -18.07 15.74
N ASP B 41 7.35 -17.33 16.23
CA ASP B 41 7.19 -16.45 17.38
C ASP B 41 6.95 -15.00 16.99
N ASN B 42 6.66 -14.74 15.71
CA ASN B 42 6.34 -13.43 15.11
C ASN B 42 7.56 -12.54 14.90
N ASN B 43 8.77 -13.01 15.19
CA ASN B 43 9.96 -12.23 14.88
C ASN B 43 10.25 -12.27 13.38
N ILE B 44 10.93 -11.23 12.90
CA ILE B 44 11.38 -11.15 11.52
C ILE B 44 12.84 -10.72 11.57
N ALA B 45 13.75 -11.63 11.21
CA ALA B 45 15.17 -11.36 11.28
C ALA B 45 15.84 -11.86 10.01
N LYS B 46 17.18 -11.92 10.05
CA LYS B 46 17.97 -12.34 8.90
C LYS B 46 17.48 -13.63 8.22
N PRO B 47 17.18 -14.72 8.94
CA PRO B 47 16.71 -15.93 8.24
C PRO B 47 15.43 -15.71 7.45
N GLU B 48 14.44 -15.05 8.04
CA GLU B 48 13.19 -14.80 7.33
C GLU B 48 13.38 -13.83 6.19
N ILE B 49 14.30 -12.87 6.34
CA ILE B 49 14.51 -11.87 5.30
C ILE B 49 15.26 -12.47 4.11
N ARG B 50 16.19 -13.38 4.38
CA ARG B 50 16.86 -14.11 3.31
C ARG B 50 15.85 -14.91 2.50
N THR B 51 14.97 -15.65 3.20
CA THR B 51 13.98 -16.47 2.53
C THR B 51 13.04 -15.63 1.67
N PHE B 52 12.49 -14.56 2.26
CA PHE B 52 11.50 -13.75 1.55
C PHE B 52 12.13 -13.04 0.35
N SER B 53 13.31 -12.46 0.55
CA SER B 53 14.00 -11.77 -0.55
C SER B 53 14.37 -12.75 -1.66
N ASN B 54 14.78 -13.97 -1.29
CA ASN B 54 15.13 -14.98 -2.29
C ASN B 54 13.92 -15.36 -3.14
N VAL B 55 12.74 -15.46 -2.51
CA VAL B 55 11.53 -15.81 -3.26
C VAL B 55 11.15 -14.69 -4.22
N LEU B 56 11.22 -13.44 -3.76
CA LEU B 56 10.85 -12.31 -4.61
C LEU B 56 11.79 -12.20 -5.81
N ILE B 57 13.07 -12.46 -5.60
CA ILE B 57 14.04 -12.39 -6.70
C ILE B 57 13.83 -13.54 -7.68
N LYS B 58 13.58 -14.75 -7.17
CA LYS B 58 13.39 -15.90 -8.04
C LYS B 58 12.20 -15.70 -8.97
N TYR B 59 11.14 -15.06 -8.48
CA TYR B 59 9.94 -14.82 -9.27
C TYR B 59 9.97 -13.48 -10.00
N ASN B 60 11.11 -12.81 -10.03
CA ASN B 60 11.32 -11.58 -10.80
C ASN B 60 10.40 -10.44 -10.35
N VAL B 61 9.99 -10.43 -9.09
CA VAL B 61 9.25 -9.29 -8.58
C VAL B 61 10.09 -8.03 -8.67
N VAL B 62 11.36 -8.13 -8.31
CA VAL B 62 12.35 -7.08 -8.55
C VAL B 62 13.57 -7.72 -9.18
N ASP B 63 14.38 -6.90 -9.81
CA ASP B 63 15.57 -7.40 -10.49
C ASP B 63 16.56 -7.96 -9.48
N LYS B 64 17.32 -8.97 -9.92
CA LYS B 64 18.26 -9.63 -9.03
C LYS B 64 19.35 -8.70 -8.52
N SER B 65 19.64 -7.62 -9.25
CA SER B 65 20.65 -6.66 -8.79
C SER B 65 20.19 -5.83 -7.60
N LEU B 66 18.90 -5.90 -7.25
CA LEU B 66 18.33 -5.13 -6.16
C LEU B 66 18.20 -5.94 -4.87
N LYS B 67 18.88 -7.08 -4.77
CA LYS B 67 18.67 -7.97 -3.63
C LYS B 67 19.14 -7.34 -2.32
N ALA B 68 20.26 -6.62 -2.36
CA ALA B 68 20.71 -5.90 -1.16
C ALA B 68 19.73 -4.80 -0.77
N ASP B 69 19.19 -4.06 -1.75
CA ASP B 69 18.18 -3.05 -1.44
C ASP B 69 16.93 -3.65 -0.80
N ILE B 70 16.44 -4.77 -1.36
N ILE B 70 16.43 -4.76 -1.35
CA ILE B 70 15.23 -5.39 -0.85
CA ILE B 70 15.20 -5.35 -0.81
C ILE B 70 15.43 -5.88 0.58
C ILE B 70 15.41 -5.89 0.59
N ARG B 71 16.58 -6.49 0.86
CA ARG B 71 16.86 -6.95 2.21
C ARG B 71 16.99 -5.77 3.17
N LYS B 72 17.57 -4.68 2.69
CA LYS B 72 17.65 -3.45 3.48
C LYS B 72 16.26 -2.95 3.89
N ILE B 73 15.33 -2.86 2.93
CA ILE B 73 13.98 -2.37 3.27
C ILE B 73 13.22 -3.37 4.14
N MET B 74 13.43 -4.67 3.95
CA MET B 74 12.80 -5.65 4.83
C MET B 74 13.29 -5.51 6.26
N HIS B 75 14.59 -5.27 6.44
CA HIS B 75 15.11 -5.02 7.78
C HIS B 75 14.51 -3.75 8.38
N GLU B 76 14.38 -2.69 7.58
CA GLU B 76 13.73 -1.47 8.06
C GLU B 76 12.29 -1.77 8.48
N CYS B 77 11.57 -2.53 7.67
CA CYS B 77 10.17 -2.83 7.94
C CYS B 77 10.01 -3.71 9.17
N ALA B 78 10.87 -4.72 9.32
CA ALA B 78 10.84 -5.55 10.53
C ALA B 78 10.93 -4.69 11.78
N LYS B 79 11.80 -3.67 11.76
CA LYS B 79 11.93 -2.79 12.92
C LYS B 79 10.69 -1.92 13.08
N LYS B 80 10.19 -1.33 11.99
CA LYS B 80 9.00 -0.49 12.08
C LYS B 80 7.77 -1.29 12.52
N VAL B 81 7.68 -2.55 12.10
CA VAL B 81 6.55 -3.39 12.48
C VAL B 81 6.59 -3.71 13.97
N LYS B 82 7.78 -3.98 14.48
CA LYS B 82 7.99 -4.21 15.91
C LYS B 82 7.56 -2.98 16.71
N LYS B 83 7.95 -1.78 16.24
CA LYS B 83 7.59 -0.54 16.92
C LYS B 83 6.09 -0.26 16.82
N GLN B 84 5.49 -0.53 15.67
CA GLN B 84 4.06 -0.29 15.49
C GLN B 84 3.24 -1.13 16.46
N ALA B 85 3.71 -2.32 16.80
CA ALA B 85 2.95 -3.33 17.49
C ALA B 85 3.18 -3.36 19.00
N ARG B 86 4.16 -2.61 19.51
CA ARG B 86 4.58 -2.79 20.90
C ARG B 86 3.43 -2.56 21.88
N GLU B 87 2.59 -1.58 21.60
CA GLU B 87 1.48 -1.21 22.48
C GLU B 87 0.15 -1.77 21.98
N ASP B 88 0.21 -2.68 21.02
CA ASP B 88 -1.01 -3.36 20.60
C ASP B 88 -1.59 -4.13 21.79
N SER B 89 -2.93 -4.16 21.84
CA SER B 89 -3.62 -4.86 22.91
C SER B 89 -3.27 -6.34 22.86
N HIS B 90 -3.42 -6.98 24.02
CA HIS B 90 -3.15 -8.41 24.15
C HIS B 90 -3.84 -9.24 23.08
N TRP B 91 -5.09 -8.88 22.75
CA TRP B 91 -5.94 -9.72 21.90
C TRP B 91 -5.89 -9.38 20.43
N LEU B 92 -5.05 -8.43 20.02
CA LEU B 92 -4.86 -8.16 18.60
C LEU B 92 -3.88 -9.17 18.04
N ASN B 93 -4.39 -10.14 17.28
CA ASN B 93 -3.60 -11.23 16.77
C ASN B 93 -3.35 -11.06 15.27
N CYS B 94 -2.28 -11.72 14.81
CA CYS B 94 -1.95 -11.90 13.40
C CYS B 94 -1.54 -10.61 12.68
N ARG B 95 -1.27 -9.54 13.43
CA ARG B 95 -0.97 -8.24 12.82
C ARG B 95 0.44 -8.13 12.27
N THR B 96 1.37 -8.99 12.70
CA THR B 96 2.74 -8.88 12.24
C THR B 96 2.82 -8.97 10.72
N THR B 97 2.14 -9.95 10.13
CA THR B 97 2.17 -10.12 8.69
C THR B 97 1.48 -8.97 7.97
N ILE B 98 0.33 -8.53 8.49
CA ILE B 98 -0.38 -7.39 7.91
C ILE B 98 0.52 -6.17 7.81
N ASN B 99 1.14 -5.80 8.93
CA ASN B 99 1.95 -4.58 8.95
C ASN B 99 3.23 -4.74 8.13
N TYR B 100 3.81 -5.95 8.15
CA TYR B 100 5.01 -6.22 7.37
C TYR B 100 4.72 -6.13 5.88
N TYR B 101 3.61 -6.73 5.46
CA TYR B 101 3.18 -6.70 4.06
C TYR B 101 2.97 -5.27 3.59
N ARG B 102 2.21 -4.49 4.36
CA ARG B 102 1.99 -3.08 4.02
C ARG B 102 3.29 -2.31 3.96
N CYS B 103 4.21 -2.57 4.89
CA CYS B 103 5.45 -1.81 4.90
C CYS B 103 6.30 -2.13 3.67
N ILE B 104 6.44 -3.41 3.32
CA ILE B 104 7.22 -3.79 2.15
C ILE B 104 6.67 -3.13 0.90
N LEU B 105 5.35 -3.04 0.78
CA LEU B 105 4.72 -2.49 -0.41
C LEU B 105 4.74 -0.97 -0.44
N THR B 106 5.22 -0.31 0.61
CA THR B 106 5.55 1.10 0.47
C THR B 106 6.86 1.34 -0.26
N ASP B 107 7.65 0.30 -0.54
CA ASP B 107 8.80 0.50 -1.42
C ASP B 107 8.31 0.85 -2.82
N LYS B 108 8.85 1.94 -3.39
CA LYS B 108 8.33 2.44 -4.65
C LYS B 108 8.55 1.48 -5.81
N ARG B 109 9.35 0.42 -5.63
CA ARG B 109 9.80 -0.44 -6.71
C ARG B 109 9.04 -1.75 -6.81
N ILE B 110 8.14 -2.04 -5.86
CA ILE B 110 7.47 -3.32 -5.78
C ILE B 110 6.02 -3.15 -6.16
N GLY B 111 5.62 -3.79 -7.25
CA GLY B 111 4.24 -3.78 -7.69
C GLY B 111 3.42 -4.82 -6.96
N PRO B 112 2.32 -4.39 -6.35
CA PRO B 112 1.50 -5.33 -5.56
C PRO B 112 0.94 -6.50 -6.37
N GLN B 113 0.66 -6.31 -7.65
CA GLN B 113 0.07 -7.39 -8.44
C GLN B 113 1.06 -8.55 -8.64
N ARG B 114 2.26 -8.26 -9.10
CA ARG B 114 3.20 -9.35 -9.35
C ARG B 114 3.81 -9.87 -8.05
N PHE B 115 3.84 -9.03 -7.00
CA PHE B 115 4.19 -9.50 -5.66
C PHE B 115 3.21 -10.58 -5.20
N ASP B 116 1.91 -10.29 -5.28
CA ASP B 116 0.90 -11.28 -4.93
C ASP B 116 1.00 -12.54 -5.79
N ARG B 117 1.20 -12.38 -7.09
CA ARG B 117 1.28 -13.52 -7.99
C ARG B 117 2.47 -14.41 -7.65
N ALA B 118 3.60 -13.80 -7.27
CA ALA B 118 4.78 -14.57 -6.91
C ALA B 118 4.51 -15.44 -5.68
N ILE B 119 3.89 -14.86 -4.66
CA ILE B 119 3.61 -15.61 -3.45
C ILE B 119 2.59 -16.71 -3.69
N GLN B 120 1.61 -16.45 -4.55
CA GLN B 120 0.64 -17.49 -4.89
C GLN B 120 1.27 -18.64 -5.66
N GLU B 121 2.25 -18.34 -6.54
CA GLU B 121 2.99 -19.41 -7.21
C GLU B 121 3.87 -20.15 -6.23
N TYR B 122 4.54 -19.43 -5.32
CA TYR B 122 5.42 -20.08 -4.35
C TYR B 122 4.61 -20.99 -3.45
N ASP B 123 3.38 -20.58 -3.12
CA ASP B 123 2.49 -21.37 -2.27
C ASP B 123 2.29 -22.76 -2.85
N LYS B 124 2.18 -22.86 -4.18
CA LYS B 124 1.92 -24.13 -4.85
C LYS B 124 3.08 -25.10 -4.75
N THR B 125 4.29 -24.62 -4.46
CA THR B 125 5.45 -25.48 -4.37
C THR B 125 5.66 -26.08 -2.99
N ILE B 126 4.85 -25.70 -2.01
CA ILE B 126 5.00 -26.14 -0.63
C ILE B 126 3.86 -27.09 -0.32
N ASN B 127 4.21 -28.31 0.11
CA ASN B 127 3.24 -29.37 0.36
C ASN B 127 3.46 -29.87 1.78
N ILE B 128 2.57 -29.50 2.69
CA ILE B 128 2.78 -29.75 4.11
C ILE B 128 1.55 -30.36 4.80
C ACT C . 0.55 0.10 1.44
O ACT C . -0.21 0.55 0.57
OXT ACT C . 0.34 -0.14 2.66
CH3 ACT C . 1.93 -0.19 0.93
#